data_1H73
#
_entry.id   1H73
#
_cell.length_a   88.642
_cell.length_b   88.642
_cell.length_c   99.550
_cell.angle_alpha   90.00
_cell.angle_beta   90.00
_cell.angle_gamma   90.00
#
_symmetry.space_group_name_H-M   'P 43 21 2'
#
loop_
_entity.id
_entity.type
_entity.pdbx_description
1 polymer 'HOMOSERINE KINASE'
2 non-polymer THREONINE
3 non-polymer 'PHOSPHOAMINOPHOSPHONIC ACID-ADENYLATE ESTER'
4 water water
#
_entity_poly.entity_id   1
_entity_poly.type   'polypeptide(L)'
_entity_poly.pdbx_seq_one_letter_code
;MKVRVKAPCTSANLGVGFDVFGLCLKEPYDVIEVEAIDDKEIIIEVDDKNIPTDPDKNVAGIVAKKMIDDFNIGKGVKIT
IKKGVKAGSGLGSSAASSAGTAYAINELFKLNLDKLKLVDYASYGELASSGAKHADNVAPAIFGGFTMVTNYEPLEVLHI
PIDFKLDILIAIPNISINTKEAREILPKAVGLKDLVNNVGKACGMVYALYNKDKSLFGRYMMSDKVIEPVRGKLIPNYFK
IKEEVKDKVYGITISGSGPSIIAFPKEEFIDEVENILRDYYENTIRTEVGKGVEVV
;
_entity_poly.pdbx_strand_id   A
#
loop_
_chem_comp.id
_chem_comp.type
_chem_comp.name
_chem_comp.formula
ANP non-polymer 'PHOSPHOAMINOPHOSPHONIC ACID-ADENYLATE ESTER' 'C10 H17 N6 O12 P3'
#
# COMPACT_ATOMS: atom_id res chain seq x y z
N MET A 1 -8.26 16.93 22.03
CA MET A 1 -7.84 18.12 21.24
C MET A 1 -7.55 17.71 19.79
N LYS A 2 -6.29 17.56 19.41
CA LYS A 2 -6.06 17.13 18.03
C LYS A 2 -4.77 16.36 17.83
N VAL A 3 -4.73 15.55 16.77
CA VAL A 3 -3.57 14.70 16.45
C VAL A 3 -3.33 14.79 14.93
N ARG A 4 -2.07 14.96 14.54
CA ARG A 4 -1.72 15.05 13.10
C ARG A 4 -0.68 13.97 12.79
N VAL A 5 -0.85 13.24 11.68
CA VAL A 5 0.05 12.15 11.34
C VAL A 5 0.44 12.15 9.87
N LYS A 6 1.48 11.40 9.54
CA LYS A 6 1.86 11.20 8.16
C LYS A 6 1.58 9.69 8.02
N ALA A 7 0.77 9.35 7.03
CA ALA A 7 0.34 7.97 6.80
C ALA A 7 0.88 7.59 5.42
N PRO A 8 1.83 6.65 5.37
CA PRO A 8 2.44 6.25 4.12
C PRO A 8 1.74 5.39 3.07
N CYS A 9 2.14 5.65 1.84
CA CYS A 9 1.72 4.86 0.69
C CYS A 9 2.44 3.51 0.90
N THR A 10 1.93 2.47 0.25
CA THR A 10 2.46 1.12 0.42
C THR A 10 2.34 0.38 -0.92
N SER A 11 3.19 -0.65 -1.11
N SER A 11 3.20 -0.64 -1.12
CA SER A 11 3.16 -1.45 -2.33
CA SER A 11 3.13 -1.43 -2.33
C SER A 11 2.80 -2.88 -1.97
C SER A 11 2.79 -2.87 -1.96
N ALA A 12 1.64 -3.33 -2.44
CA ALA A 12 1.18 -4.67 -2.16
C ALA A 12 1.47 -5.63 -3.31
N ASN A 13 1.32 -6.92 -3.04
CA ASN A 13 1.53 -8.02 -3.99
C ASN A 13 2.97 -8.38 -4.20
N LEU A 14 3.76 -7.46 -4.75
CA LEU A 14 5.17 -7.75 -5.01
C LEU A 14 5.27 -9.08 -5.77
N GLY A 15 4.54 -9.19 -6.87
CA GLY A 15 4.61 -10.40 -7.69
C GLY A 15 3.98 -11.64 -7.08
N VAL A 16 4.79 -12.62 -6.65
CA VAL A 16 4.24 -13.87 -6.13
C VAL A 16 3.58 -13.75 -4.76
N GLY A 17 3.69 -12.57 -4.15
CA GLY A 17 3.04 -12.32 -2.84
C GLY A 17 1.63 -11.73 -2.96
N PHE A 18 1.01 -11.91 -4.13
CA PHE A 18 -0.34 -11.43 -4.41
C PHE A 18 -1.32 -11.64 -3.26
N ASP A 19 -1.90 -10.53 -2.76
CA ASP A 19 -2.89 -10.52 -1.68
C ASP A 19 -2.32 -10.89 -0.31
N VAL A 20 -1.01 -11.02 -0.21
CA VAL A 20 -0.38 -11.37 1.05
C VAL A 20 0.68 -10.33 1.47
N PHE A 21 1.68 -10.13 0.61
CA PHE A 21 2.81 -9.23 0.91
C PHE A 21 2.48 -7.74 0.86
N GLY A 22 3.18 -6.96 1.67
CA GLY A 22 3.00 -5.52 1.67
C GLY A 22 4.35 -4.91 2.04
N LEU A 23 4.74 -3.81 1.38
CA LEU A 23 6.00 -3.14 1.71
C LEU A 23 5.68 -1.68 1.94
N CYS A 24 6.00 -1.19 3.11
CA CYS A 24 5.74 0.21 3.42
C CYS A 24 6.78 1.15 2.78
N LEU A 25 6.32 2.23 2.13
CA LEU A 25 7.20 3.22 1.51
C LEU A 25 7.39 4.38 2.47
N LYS A 26 8.46 5.15 2.29
CA LYS A 26 8.66 6.30 3.16
C LYS A 26 7.89 7.48 2.55
N GLU A 27 7.79 7.49 1.22
CA GLU A 27 7.08 8.53 0.47
C GLU A 27 6.41 7.87 -0.72
N PRO A 28 5.28 8.42 -1.20
CA PRO A 28 4.48 9.57 -0.76
C PRO A 28 3.71 9.16 0.49
N TYR A 29 3.00 10.11 1.08
CA TYR A 29 2.17 9.82 2.24
C TYR A 29 1.08 10.90 2.35
N ASP A 30 0.03 10.61 3.10
CA ASP A 30 -1.03 11.58 3.33
C ASP A 30 -0.63 12.25 4.65
N VAL A 31 -1.08 13.49 4.85
CA VAL A 31 -0.89 14.20 6.11
C VAL A 31 -2.34 14.34 6.56
N ILE A 32 -2.64 13.75 7.71
CA ILE A 32 -4.01 13.73 8.21
C ILE A 32 -4.09 14.29 9.63
N GLU A 33 -5.03 15.21 9.84
CA GLU A 33 -5.19 15.77 11.17
C GLU A 33 -6.62 15.45 11.65
N VAL A 34 -6.74 15.01 12.89
CA VAL A 34 -8.04 14.66 13.43
C VAL A 34 -8.20 15.48 14.71
N GLU A 35 -9.31 16.20 14.79
CA GLU A 35 -9.63 17.05 15.92
C GLU A 35 -10.96 16.61 16.55
N ALA A 36 -11.00 16.47 17.87
CA ALA A 36 -12.25 16.07 18.51
C ALA A 36 -13.19 17.29 18.52
N ILE A 37 -14.46 17.11 18.19
CA ILE A 37 -15.43 18.22 18.23
C ILE A 37 -16.66 17.77 19.04
N ASP A 38 -17.35 18.71 19.68
CA ASP A 38 -18.51 18.35 20.50
C ASP A 38 -19.67 17.80 19.74
N ASP A 39 -19.97 18.39 18.59
CA ASP A 39 -21.06 17.88 17.79
C ASP A 39 -20.64 16.48 17.38
N LYS A 40 -21.57 15.55 17.37
CA LYS A 40 -21.23 14.16 17.05
C LYS A 40 -21.03 13.80 15.59
N GLU A 41 -21.22 14.76 14.71
CA GLU A 41 -21.05 14.53 13.29
C GLU A 41 -19.54 14.36 12.96
N ILE A 42 -19.26 13.78 11.81
CA ILE A 42 -17.89 13.61 11.36
C ILE A 42 -17.76 14.50 10.15
N ILE A 43 -16.84 15.43 10.20
CA ILE A 43 -16.63 16.36 9.11
C ILE A 43 -15.32 16.02 8.42
N ILE A 44 -15.34 15.93 7.09
CA ILE A 44 -14.12 15.63 6.35
C ILE A 44 -13.75 16.72 5.34
N GLU A 45 -12.47 17.07 5.29
CA GLU A 45 -11.93 18.03 4.32
C GLU A 45 -10.77 17.32 3.63
N VAL A 46 -10.74 17.38 2.30
CA VAL A 46 -9.70 16.71 1.54
C VAL A 46 -9.30 17.61 0.36
N ASP A 47 -7.99 17.68 0.09
CA ASP A 47 -7.47 18.53 -0.95
C ASP A 47 -7.52 17.95 -2.36
N ASP A 48 -8.16 16.80 -2.52
CA ASP A 48 -8.29 16.20 -3.83
C ASP A 48 -9.79 16.21 -4.09
N LYS A 49 -10.22 17.00 -5.08
CA LYS A 49 -11.64 17.12 -5.37
C LYS A 49 -12.29 15.85 -5.88
N ASN A 50 -11.50 14.87 -6.30
CA ASN A 50 -12.06 13.61 -6.76
C ASN A 50 -12.33 12.65 -5.63
N ILE A 51 -12.03 13.05 -4.40
CA ILE A 51 -12.25 12.18 -3.26
C ILE A 51 -13.44 12.74 -2.49
N PRO A 52 -14.42 11.89 -2.15
CA PRO A 52 -15.64 12.25 -1.40
C PRO A 52 -15.39 12.87 -0.03
N THR A 53 -16.25 13.81 0.36
CA THR A 53 -16.17 14.42 1.68
C THR A 53 -17.27 13.81 2.55
N ASP A 54 -18.20 13.10 1.94
CA ASP A 54 -19.27 12.40 2.68
C ASP A 54 -18.57 11.43 3.66
N PRO A 55 -18.81 11.56 4.98
CA PRO A 55 -18.14 10.65 5.94
C PRO A 55 -18.47 9.18 5.80
N ASP A 56 -19.54 8.87 5.08
CA ASP A 56 -19.87 7.47 4.87
C ASP A 56 -19.26 6.94 3.59
N LYS A 57 -18.58 7.79 2.84
CA LYS A 57 -17.91 7.34 1.61
C LYS A 57 -16.39 7.52 1.70
N ASN A 58 -15.96 8.58 2.37
CA ASN A 58 -14.51 8.75 2.50
C ASN A 58 -14.05 7.71 3.54
N VAL A 59 -13.06 6.91 3.20
CA VAL A 59 -12.63 5.85 4.09
C VAL A 59 -12.22 6.35 5.48
N ALA A 60 -11.71 7.58 5.59
CA ALA A 60 -11.33 8.08 6.90
C ALA A 60 -12.57 8.24 7.78
N GLY A 61 -13.68 8.66 7.18
CA GLY A 61 -14.91 8.83 7.92
C GLY A 61 -15.50 7.49 8.32
N ILE A 62 -15.38 6.50 7.44
CA ILE A 62 -15.89 5.17 7.72
C ILE A 62 -15.12 4.55 8.90
N VAL A 63 -13.80 4.65 8.87
CA VAL A 63 -12.96 4.09 9.94
C VAL A 63 -13.22 4.80 11.26
N ALA A 64 -13.26 6.13 11.22
CA ALA A 64 -13.48 6.90 12.45
C ALA A 64 -14.84 6.57 13.08
N LYS A 65 -15.88 6.53 12.27
CA LYS A 65 -17.21 6.23 12.81
C LYS A 65 -17.24 4.86 13.49
N LYS A 66 -16.61 3.88 12.85
CA LYS A 66 -16.59 2.54 13.39
C LYS A 66 -15.90 2.51 14.74
N MET A 67 -14.78 3.20 14.84
CA MET A 67 -14.03 3.21 16.10
C MET A 67 -14.74 4.02 17.18
N ILE A 68 -15.28 5.17 16.80
CA ILE A 68 -16.00 6.02 17.76
C ILE A 68 -17.23 5.23 18.32
N ASP A 69 -17.97 4.56 17.45
CA ASP A 69 -19.12 3.78 17.93
C ASP A 69 -18.69 2.60 18.80
N ASP A 70 -17.66 1.88 18.36
CA ASP A 70 -17.19 0.74 19.11
C ASP A 70 -16.78 1.07 20.52
N PHE A 71 -16.26 2.26 20.75
CA PHE A 71 -15.86 2.59 22.12
C PHE A 71 -16.78 3.61 22.82
N ASN A 72 -17.98 3.81 22.29
CA ASN A 72 -18.96 4.73 22.87
C ASN A 72 -18.28 6.06 23.15
N ILE A 73 -17.45 6.52 22.22
CA ILE A 73 -16.71 7.75 22.46
C ILE A 73 -17.54 9.02 22.68
N GLY A 74 -18.64 9.21 21.97
CA GLY A 74 -19.42 10.41 22.28
C GLY A 74 -18.94 11.80 21.80
N LYS A 75 -17.99 11.82 20.87
CA LYS A 75 -17.54 13.08 20.32
C LYS A 75 -17.50 12.86 18.82
N GLY A 76 -17.50 13.95 18.07
CA GLY A 76 -17.40 13.85 16.63
C GLY A 76 -15.94 14.17 16.34
N VAL A 77 -15.53 14.15 15.07
CA VAL A 77 -14.15 14.54 14.75
C VAL A 77 -14.21 15.31 13.45
N LYS A 78 -13.29 16.24 13.29
CA LYS A 78 -13.12 16.98 12.03
C LYS A 78 -11.80 16.39 11.50
N ILE A 79 -11.83 15.82 10.31
CA ILE A 79 -10.64 15.19 9.72
C ILE A 79 -10.20 15.96 8.47
N THR A 80 -8.96 16.43 8.46
N THR A 80 -8.96 16.43 8.46
CA THR A 80 -8.46 17.17 7.30
CA THR A 80 -8.46 17.16 7.29
C THR A 80 -7.36 16.33 6.66
C THR A 80 -7.37 16.32 6.67
N ILE A 81 -7.51 16.07 5.37
CA ILE A 81 -6.58 15.24 4.63
C ILE A 81 -5.88 15.95 3.47
N LYS A 82 -4.56 15.84 3.44
CA LYS A 82 -3.79 16.34 2.32
C LYS A 82 -3.17 15.08 1.72
N LYS A 83 -3.63 14.73 0.52
CA LYS A 83 -3.21 13.50 -0.18
C LYS A 83 -1.81 13.42 -0.72
N GLY A 84 -1.16 12.27 -0.51
CA GLY A 84 0.17 12.12 -1.07
C GLY A 84 0.05 11.79 -2.55
N VAL A 85 -0.91 10.94 -2.91
CA VAL A 85 -1.09 10.51 -4.30
C VAL A 85 -2.57 10.23 -4.53
N LYS A 86 -3.01 10.26 -5.79
CA LYS A 86 -4.40 10.00 -6.09
C LYS A 86 -4.76 8.53 -5.88
N ALA A 87 -6.05 8.29 -5.71
CA ALA A 87 -6.57 6.94 -5.58
C ALA A 87 -6.39 6.23 -6.92
N GLY A 88 -6.48 4.89 -6.93
CA GLY A 88 -6.35 4.14 -8.17
C GLY A 88 -4.97 4.16 -8.78
N SER A 89 -3.96 4.39 -7.95
N SER A 89 -3.95 4.39 -7.96
CA SER A 89 -2.57 4.47 -8.43
CA SER A 89 -2.58 4.44 -8.49
C SER A 89 -1.78 3.19 -8.14
C SER A 89 -1.79 3.18 -8.16
N GLY A 90 -2.33 2.34 -7.29
CA GLY A 90 -1.65 1.10 -6.94
C GLY A 90 -0.67 1.31 -5.78
N LEU A 91 -0.79 2.45 -5.10
CA LEU A 91 0.10 2.77 -3.99
C LEU A 91 -0.58 2.82 -2.61
N GLY A 92 -1.72 2.17 -2.45
CA GLY A 92 -2.38 2.17 -1.16
C GLY A 92 -2.80 3.57 -0.68
N SER A 93 -3.27 4.43 -1.60
CA SER A 93 -3.70 5.79 -1.25
C SER A 93 -4.86 5.80 -0.25
N SER A 94 -5.88 5.00 -0.50
N SER A 94 -5.87 5.00 -0.51
CA SER A 94 -7.04 4.92 0.39
CA SER A 94 -7.01 5.00 0.42
C SER A 94 -6.61 4.28 1.70
C SER A 94 -6.60 4.28 1.71
N ALA A 95 -5.73 3.30 1.61
CA ALA A 95 -5.23 2.61 2.79
C ALA A 95 -4.43 3.60 3.67
N ALA A 96 -3.74 4.54 3.06
CA ALA A 96 -2.97 5.52 3.85
C ALA A 96 -3.97 6.33 4.70
N SER A 97 -5.08 6.77 4.09
CA SER A 97 -6.12 7.47 4.84
C SER A 97 -6.77 6.56 5.90
N SER A 98 -7.08 5.31 5.54
CA SER A 98 -7.70 4.39 6.48
C SER A 98 -6.80 4.12 7.71
N ALA A 99 -5.54 3.81 7.44
CA ALA A 99 -4.56 3.52 8.49
C ALA A 99 -4.22 4.76 9.30
N GLY A 100 -4.02 5.88 8.63
CA GLY A 100 -3.68 7.13 9.34
C GLY A 100 -4.82 7.48 10.29
N THR A 101 -6.06 7.32 9.81
CA THR A 101 -7.21 7.66 10.67
C THR A 101 -7.28 6.72 11.84
N ALA A 102 -7.15 5.41 11.60
CA ALA A 102 -7.19 4.46 12.70
C ALA A 102 -6.14 4.87 13.76
N TYR A 103 -4.91 5.11 13.30
CA TYR A 103 -3.84 5.49 14.22
C TYR A 103 -4.16 6.81 14.96
N ALA A 104 -4.69 7.79 14.23
CA ALA A 104 -4.97 9.09 14.85
C ALA A 104 -6.06 9.02 15.92
N ILE A 105 -7.13 8.28 15.62
CA ILE A 105 -8.24 8.11 16.56
C ILE A 105 -7.73 7.40 17.80
N ASN A 106 -6.92 6.37 17.59
CA ASN A 106 -6.39 5.63 18.68
C ASN A 106 -5.61 6.55 19.62
N GLU A 107 -4.81 7.46 19.05
CA GLU A 107 -4.04 8.40 19.88
C GLU A 107 -4.94 9.46 20.50
N LEU A 108 -5.79 10.06 19.67
CA LEU A 108 -6.66 11.13 20.13
C LEU A 108 -7.53 10.73 21.32
N PHE A 109 -8.17 9.58 21.25
CA PHE A 109 -9.03 9.14 22.33
C PHE A 109 -8.42 8.13 23.27
N LYS A 110 -7.09 8.03 23.21
CA LYS A 110 -6.30 7.13 24.07
C LYS A 110 -6.90 5.72 24.23
N LEU A 111 -7.15 5.05 23.11
CA LEU A 111 -7.75 3.72 23.13
C LEU A 111 -6.76 2.60 23.42
N ASN A 112 -5.47 2.90 23.36
CA ASN A 112 -4.39 1.92 23.61
C ASN A 112 -4.53 0.61 22.83
N LEU A 113 -4.94 0.70 21.57
CA LEU A 113 -5.07 -0.49 20.75
C LEU A 113 -3.72 -0.90 20.16
N ASP A 114 -3.52 -2.21 20.00
CA ASP A 114 -2.25 -2.66 19.42
C ASP A 114 -2.27 -2.52 17.91
N LYS A 115 -1.13 -2.74 17.28
CA LYS A 115 -1.01 -2.57 15.84
C LYS A 115 -1.94 -3.44 15.04
N LEU A 116 -2.08 -4.69 15.45
CA LEU A 116 -2.97 -5.56 14.71
C LEU A 116 -4.41 -5.02 14.72
N LYS A 117 -4.88 -4.55 15.87
CA LYS A 117 -6.26 -4.03 15.93
C LYS A 117 -6.41 -2.77 15.07
N LEU A 118 -5.37 -1.93 15.01
CA LEU A 118 -5.43 -0.75 14.17
C LEU A 118 -5.56 -1.17 12.70
N VAL A 119 -4.85 -2.22 12.29
CA VAL A 119 -4.91 -2.70 10.89
C VAL A 119 -6.33 -3.24 10.64
N ASP A 120 -6.82 -3.98 11.61
CA ASP A 120 -8.18 -4.50 11.49
C ASP A 120 -9.17 -3.35 11.31
N TYR A 121 -9.08 -2.30 12.13
CA TYR A 121 -10.03 -1.18 11.97
C TYR A 121 -9.86 -0.48 10.62
N ALA A 122 -8.61 -0.26 10.22
CA ALA A 122 -8.32 0.39 8.96
C ALA A 122 -8.90 -0.42 7.82
N SER A 123 -8.89 -1.74 7.96
CA SER A 123 -9.40 -2.57 6.89
C SER A 123 -10.88 -2.38 6.62
N TYR A 124 -11.60 -1.75 7.55
CA TYR A 124 -13.02 -1.50 7.31
C TYR A 124 -13.16 -0.38 6.31
N GLY A 125 -12.12 0.45 6.18
CA GLY A 125 -12.18 1.53 5.23
C GLY A 125 -11.99 0.92 3.86
N GLU A 126 -11.11 -0.06 3.79
CA GLU A 126 -10.83 -0.73 2.54
C GLU A 126 -12.00 -1.59 2.07
N LEU A 127 -13.00 -1.75 2.92
CA LEU A 127 -14.17 -2.56 2.61
C LEU A 127 -15.12 -1.73 1.76
N ALA A 128 -15.09 -0.42 1.97
CA ALA A 128 -15.94 0.52 1.23
C ALA A 128 -15.77 0.43 -0.29
N SER A 129 -14.85 -0.43 -0.72
CA SER A 129 -14.61 -0.63 -2.14
C SER A 129 -14.06 -2.05 -2.32
N SER A 130 -14.82 -3.04 -1.89
CA SER A 130 -14.37 -4.42 -1.99
C SER A 130 -15.41 -5.49 -1.72
N GLY A 131 -16.15 -5.32 -0.64
CA GLY A 131 -17.12 -6.33 -0.26
C GLY A 131 -16.38 -7.20 0.75
N ALA A 132 -15.06 -6.98 0.82
CA ALA A 132 -14.20 -7.72 1.75
C ALA A 132 -13.13 -6.79 2.34
N LYS A 133 -12.79 -7.06 3.60
CA LYS A 133 -11.81 -6.27 4.33
C LYS A 133 -10.35 -6.56 3.96
N HIS A 134 -9.90 -6.12 2.80
CA HIS A 134 -8.50 -6.38 2.43
C HIS A 134 -7.53 -5.62 3.35
N ALA A 135 -6.49 -6.30 3.83
CA ALA A 135 -5.53 -5.64 4.75
C ALA A 135 -4.09 -5.60 4.25
N ASP A 136 -3.82 -6.04 3.01
CA ASP A 136 -2.44 -6.04 2.57
C ASP A 136 -1.75 -4.69 2.35
N ASN A 137 -2.50 -3.60 2.27
CA ASN A 137 -1.92 -2.26 2.19
C ASN A 137 -2.02 -1.62 3.59
N VAL A 138 -3.14 -1.76 4.29
CA VAL A 138 -3.18 -1.13 5.61
C VAL A 138 -2.22 -1.79 6.60
N ALA A 139 -1.94 -3.09 6.48
CA ALA A 139 -0.97 -3.74 7.37
C ALA A 139 0.43 -3.06 7.34
N PRO A 140 1.02 -2.91 6.13
CA PRO A 140 2.33 -2.26 6.09
C PRO A 140 2.27 -0.78 6.46
N ALA A 141 1.14 -0.13 6.18
CA ALA A 141 1.00 1.29 6.52
C ALA A 141 1.10 1.49 8.03
N ILE A 142 0.58 0.54 8.79
CA ILE A 142 0.63 0.59 10.25
C ILE A 142 1.96 0.03 10.78
N PHE A 143 2.36 -1.15 10.31
CA PHE A 143 3.57 -1.77 10.84
C PHE A 143 4.91 -1.26 10.32
N GLY A 144 4.92 -0.70 9.11
CA GLY A 144 6.18 -0.29 8.53
C GLY A 144 6.87 -1.56 8.02
N GLY A 145 7.99 -1.42 7.33
CA GLY A 145 8.71 -2.60 6.86
C GLY A 145 7.93 -3.47 5.89
N PHE A 146 8.17 -4.77 5.97
CA PHE A 146 7.52 -5.78 5.12
C PHE A 146 6.50 -6.53 5.95
N THR A 147 5.30 -6.74 5.42
CA THR A 147 4.29 -7.48 6.14
C THR A 147 3.66 -8.57 5.26
N MET A 148 3.05 -9.55 5.92
CA MET A 148 2.37 -10.64 5.25
C MET A 148 1.02 -10.85 5.95
N VAL A 149 -0.07 -10.68 5.22
CA VAL A 149 -1.39 -10.91 5.79
C VAL A 149 -1.60 -12.38 5.55
N THR A 150 -1.51 -13.19 6.62
CA THR A 150 -1.60 -14.63 6.51
C THR A 150 -2.91 -15.31 6.89
N ASN A 151 -3.90 -14.52 7.25
CA ASN A 151 -5.19 -15.07 7.61
C ASN A 151 -6.16 -13.93 7.80
N TYR A 152 -7.44 -14.21 7.56
CA TYR A 152 -8.55 -13.27 7.77
C TYR A 152 -9.55 -13.99 8.67
N GLU A 153 -10.31 -13.24 9.44
CA GLU A 153 -11.30 -13.84 10.32
C GLU A 153 -10.78 -15.02 11.13
N PRO A 154 -9.91 -14.76 12.11
CA PRO A 154 -9.48 -13.39 12.37
C PRO A 154 -8.20 -13.00 11.60
N LEU A 155 -8.00 -11.70 11.53
CA LEU A 155 -6.84 -11.13 10.86
C LEU A 155 -5.55 -11.55 11.53
N GLU A 156 -4.55 -11.89 10.73
CA GLU A 156 -3.23 -12.24 11.21
C GLU A 156 -2.22 -11.53 10.33
N VAL A 157 -1.26 -10.86 10.94
CA VAL A 157 -0.26 -10.13 10.16
C VAL A 157 1.11 -10.49 10.70
N LEU A 158 2.04 -10.88 9.83
CA LEU A 158 3.40 -11.17 10.31
C LEU A 158 4.25 -10.06 9.77
N HIS A 159 5.13 -9.55 10.60
CA HIS A 159 5.95 -8.39 10.24
C HIS A 159 7.43 -8.73 10.21
N ILE A 160 8.10 -8.27 9.16
CA ILE A 160 9.54 -8.48 9.07
C ILE A 160 10.19 -7.10 8.86
N PRO A 161 10.86 -6.58 9.91
CA PRO A 161 11.47 -5.26 9.67
C PRO A 161 12.57 -5.36 8.64
N ILE A 162 12.80 -4.28 7.91
CA ILE A 162 13.83 -4.27 6.88
C ILE A 162 14.96 -3.45 7.51
N ASP A 163 15.98 -4.15 8.00
CA ASP A 163 17.07 -3.48 8.69
C ASP A 163 18.16 -2.98 7.78
N PHE A 164 18.16 -3.45 6.54
CA PHE A 164 19.18 -3.05 5.59
C PHE A 164 18.70 -1.96 4.64
N LYS A 165 19.63 -1.50 3.81
CA LYS A 165 19.32 -0.43 2.87
C LYS A 165 18.62 -0.99 1.66
N LEU A 166 17.46 -0.43 1.34
CA LEU A 166 16.74 -0.90 0.16
C LEU A 166 16.18 0.28 -0.59
N ASP A 167 16.92 0.70 -1.60
CA ASP A 167 16.51 1.82 -2.44
C ASP A 167 15.31 1.43 -3.27
N ILE A 168 14.36 2.35 -3.38
CA ILE A 168 13.17 2.09 -4.15
C ILE A 168 12.89 3.20 -5.17
N LEU A 169 12.46 2.83 -6.36
CA LEU A 169 12.08 3.81 -7.38
C LEU A 169 10.62 3.53 -7.70
N ILE A 170 9.79 4.57 -7.74
CA ILE A 170 8.37 4.41 -8.04
C ILE A 170 7.99 5.32 -9.25
N ALA A 171 7.39 4.74 -10.27
CA ALA A 171 6.94 5.50 -11.43
C ALA A 171 5.42 5.51 -11.29
N ILE A 172 4.84 6.70 -11.32
CA ILE A 172 3.41 6.88 -11.13
C ILE A 172 2.70 7.42 -12.39
N PRO A 173 2.13 6.53 -13.21
CA PRO A 173 1.44 7.00 -14.42
C PRO A 173 0.31 7.93 -13.99
N ASN A 174 -0.14 8.81 -14.91
CA ASN A 174 -1.22 9.72 -14.54
C ASN A 174 -2.56 9.04 -14.69
N ILE A 175 -2.58 7.85 -15.28
CA ILE A 175 -3.84 7.15 -15.42
C ILE A 175 -4.13 6.36 -14.16
N SER A 176 -5.36 5.90 -14.03
N SER A 176 -5.36 5.89 -14.03
CA SER A 176 -5.75 5.11 -12.87
CA SER A 176 -5.68 5.09 -12.86
C SER A 176 -6.26 3.76 -13.32
C SER A 176 -6.25 3.76 -13.31
N ILE A 177 -6.23 2.80 -12.41
CA ILE A 177 -6.75 1.46 -12.65
C ILE A 177 -7.69 1.23 -11.47
N ASN A 178 -8.93 0.89 -11.77
CA ASN A 178 -9.94 0.61 -10.73
C ASN A 178 -9.63 -0.78 -10.18
N THR A 179 -9.36 -0.91 -8.88
CA THR A 179 -8.99 -2.22 -8.36
C THR A 179 -10.03 -3.34 -8.55
N LYS A 180 -11.32 -3.03 -8.44
CA LYS A 180 -12.33 -4.07 -8.65
C LYS A 180 -12.23 -4.63 -10.06
N GLU A 181 -12.02 -3.76 -11.04
CA GLU A 181 -11.91 -4.22 -12.41
C GLU A 181 -10.63 -5.00 -12.58
N ALA A 182 -9.57 -4.53 -11.92
CA ALA A 182 -8.27 -5.19 -12.02
C ALA A 182 -8.36 -6.63 -11.52
N ARG A 183 -9.25 -6.84 -10.56
CA ARG A 183 -9.45 -8.16 -9.99
C ARG A 183 -10.37 -9.04 -10.89
N GLU A 184 -11.40 -8.44 -11.48
CA GLU A 184 -12.32 -9.18 -12.37
C GLU A 184 -11.57 -9.83 -13.53
N ILE A 185 -10.58 -9.15 -14.08
CA ILE A 185 -9.86 -9.71 -15.21
C ILE A 185 -8.89 -10.84 -14.88
N LEU A 186 -8.65 -11.10 -13.60
CA LEU A 186 -7.73 -12.18 -13.20
C LEU A 186 -8.37 -13.55 -13.46
N PRO A 187 -7.56 -14.59 -13.69
CA PRO A 187 -8.08 -15.95 -13.94
C PRO A 187 -8.87 -16.38 -12.72
N LYS A 188 -9.93 -17.18 -12.90
CA LYS A 188 -10.71 -17.65 -11.74
C LYS A 188 -9.99 -18.86 -11.13
N ALA A 189 -9.21 -19.55 -11.94
CA ALA A 189 -8.51 -20.71 -11.43
C ALA A 189 -7.10 -20.71 -11.95
N VAL A 190 -6.22 -21.34 -11.20
CA VAL A 190 -4.85 -21.43 -11.61
C VAL A 190 -4.40 -22.87 -11.57
N GLY A 191 -3.45 -23.18 -12.43
CA GLY A 191 -2.92 -24.53 -12.49
C GLY A 191 -2.10 -24.87 -11.27
N LEU A 192 -2.09 -26.15 -10.96
CA LEU A 192 -1.33 -26.67 -9.84
C LEU A 192 0.13 -26.26 -9.99
N LYS A 193 0.61 -26.19 -11.22
CA LYS A 193 1.99 -25.78 -11.46
C LYS A 193 2.26 -24.33 -11.04
N ASP A 194 1.26 -23.47 -11.19
CA ASP A 194 1.46 -22.06 -10.83
C ASP A 194 1.36 -21.94 -9.31
N LEU A 195 0.54 -22.77 -8.69
CA LEU A 195 0.42 -22.79 -7.24
C LEU A 195 1.79 -23.16 -6.65
N VAL A 196 2.41 -24.19 -7.21
CA VAL A 196 3.71 -24.65 -6.71
C VAL A 196 4.77 -23.58 -6.93
N ASN A 197 4.76 -22.97 -8.11
CA ASN A 197 5.73 -21.93 -8.40
C ASN A 197 5.62 -20.71 -7.44
N ASN A 198 4.41 -20.17 -7.30
CA ASN A 198 4.23 -18.98 -6.45
C ASN A 198 4.47 -19.25 -4.97
N VAL A 199 4.05 -20.41 -4.47
CA VAL A 199 4.32 -20.76 -3.06
C VAL A 199 5.84 -20.82 -2.86
N GLY A 200 6.54 -21.53 -3.76
CA GLY A 200 8.00 -21.64 -3.61
C GLY A 200 8.72 -20.31 -3.72
N LYS A 201 8.34 -19.50 -4.71
CA LYS A 201 9.02 -18.22 -4.93
C LYS A 201 8.69 -17.25 -3.83
N ALA A 202 7.44 -17.27 -3.35
CA ALA A 202 7.07 -16.36 -2.26
C ALA A 202 7.85 -16.79 -0.99
N CYS A 203 7.90 -18.07 -0.71
CA CYS A 203 8.67 -18.52 0.48
C CYS A 203 10.15 -18.14 0.32
N GLY A 204 10.64 -18.19 -0.91
CA GLY A 204 12.03 -17.82 -1.20
C GLY A 204 12.28 -16.35 -0.90
N MET A 205 11.29 -15.50 -1.16
CA MET A 205 11.41 -14.08 -0.87
C MET A 205 11.53 -13.85 0.63
N VAL A 206 10.79 -14.62 1.42
CA VAL A 206 10.86 -14.47 2.87
C VAL A 206 12.26 -14.84 3.34
N TYR A 207 12.76 -15.98 2.84
CA TYR A 207 14.11 -16.43 3.17
C TYR A 207 15.12 -15.32 2.72
N ALA A 208 14.90 -14.74 1.54
CA ALA A 208 15.79 -13.69 1.04
C ALA A 208 15.83 -12.48 2.00
N LEU A 209 14.71 -12.12 2.61
CA LEU A 209 14.73 -10.98 3.52
C LEU A 209 15.54 -11.33 4.77
N TYR A 210 15.32 -12.51 5.34
CA TYR A 210 16.07 -12.90 6.53
C TYR A 210 17.57 -13.05 6.23
N ASN A 211 17.90 -13.30 4.97
CA ASN A 211 19.29 -13.41 4.59
C ASN A 211 19.82 -12.15 3.90
N LYS A 212 19.03 -11.07 3.98
CA LYS A 212 19.34 -9.77 3.38
C LYS A 212 19.86 -9.92 1.95
N ASP A 213 19.18 -10.76 1.18
CA ASP A 213 19.62 -11.01 -0.21
C ASP A 213 18.69 -10.31 -1.21
N LYS A 214 19.07 -9.10 -1.62
CA LYS A 214 18.28 -8.33 -2.56
C LYS A 214 18.11 -8.94 -3.94
N SER A 215 19.18 -9.57 -4.42
N SER A 215 19.18 -9.56 -4.43
CA SER A 215 19.14 -10.21 -5.72
CA SER A 215 19.15 -10.22 -5.73
C SER A 215 18.12 -11.34 -5.76
C SER A 215 18.11 -11.34 -5.76
N LEU A 216 18.15 -12.18 -4.73
CA LEU A 216 17.23 -13.31 -4.64
C LEU A 216 15.80 -12.78 -4.50
N PHE A 217 15.62 -11.81 -3.62
CA PHE A 217 14.30 -11.24 -3.36
C PHE A 217 13.70 -10.70 -4.64
N GLY A 218 14.47 -9.86 -5.32
CA GLY A 218 14.02 -9.25 -6.56
C GLY A 218 13.77 -10.21 -7.69
N ARG A 219 14.58 -11.24 -7.81
CA ARG A 219 14.41 -12.20 -8.89
C ARG A 219 13.15 -13.04 -8.69
N TYR A 220 12.93 -13.51 -7.47
CA TYR A 220 11.73 -14.30 -7.21
C TYR A 220 10.46 -13.45 -7.35
N MET A 221 10.58 -12.18 -6.99
CA MET A 221 9.46 -11.24 -7.10
C MET A 221 8.94 -11.19 -8.53
N MET A 222 9.85 -11.35 -9.49
CA MET A 222 9.50 -11.28 -10.91
C MET A 222 9.08 -12.60 -11.55
N SER A 223 8.89 -13.63 -10.73
N SER A 223 8.90 -13.64 -10.74
CA SER A 223 8.54 -14.95 -11.30
CA SER A 223 8.54 -14.94 -11.27
C SER A 223 7.05 -15.25 -11.37
C SER A 223 7.04 -15.24 -11.39
N ASP A 224 6.17 -14.30 -11.05
CA ASP A 224 4.74 -14.58 -11.13
C ASP A 224 4.29 -14.64 -12.60
N LYS A 225 3.61 -15.72 -12.98
CA LYS A 225 3.12 -15.87 -14.35
C LYS A 225 1.60 -15.79 -14.36
N VAL A 226 0.98 -15.59 -13.20
CA VAL A 226 -0.46 -15.58 -13.11
C VAL A 226 -1.15 -14.22 -13.10
N ILE A 227 -0.69 -13.31 -12.25
CA ILE A 227 -1.35 -12.03 -12.16
C ILE A 227 -0.63 -10.89 -12.88
N GLU A 228 0.66 -10.75 -12.64
CA GLU A 228 1.43 -9.67 -13.23
C GLU A 228 1.37 -9.58 -14.75
N PRO A 229 1.51 -10.70 -15.47
CA PRO A 229 1.46 -10.63 -16.94
C PRO A 229 0.12 -10.12 -17.48
N VAL A 230 -0.94 -10.31 -16.69
CA VAL A 230 -2.29 -9.88 -17.07
C VAL A 230 -2.46 -8.40 -16.80
N ARG A 231 -2.11 -7.98 -15.60
CA ARG A 231 -2.26 -6.58 -15.29
C ARG A 231 -1.21 -5.68 -15.94
N GLY A 232 -0.04 -6.23 -16.24
CA GLY A 232 0.96 -5.42 -16.90
C GLY A 232 0.49 -4.90 -18.26
N LYS A 233 -0.49 -5.57 -18.86
CA LYS A 233 -0.99 -5.15 -20.17
C LYS A 233 -1.87 -3.90 -20.07
N LEU A 234 -2.20 -3.48 -18.85
CA LEU A 234 -2.99 -2.27 -18.65
C LEU A 234 -2.07 -1.07 -18.53
N ILE A 235 -0.77 -1.31 -18.45
CA ILE A 235 0.18 -0.22 -18.20
C ILE A 235 1.08 0.14 -19.36
N PRO A 236 0.84 1.29 -19.99
CA PRO A 236 1.67 1.67 -21.12
C PRO A 236 3.17 1.60 -20.84
N ASN A 237 3.85 0.95 -21.77
CA ASN A 237 5.30 0.81 -21.74
C ASN A 237 5.88 0.01 -20.59
N TYR A 238 5.02 -0.61 -19.80
CA TYR A 238 5.48 -1.42 -18.66
C TYR A 238 6.44 -2.53 -19.08
N PHE A 239 6.10 -3.31 -20.10
CA PHE A 239 7.01 -4.39 -20.47
C PHE A 239 8.29 -3.86 -21.11
N LYS A 240 8.18 -2.77 -21.83
CA LYS A 240 9.35 -2.15 -22.44
C LYS A 240 10.27 -1.63 -21.31
N ILE A 241 9.69 -1.05 -20.27
CA ILE A 241 10.48 -0.54 -19.16
C ILE A 241 11.24 -1.67 -18.48
N LYS A 242 10.55 -2.80 -18.23
CA LYS A 242 11.19 -3.95 -17.60
C LYS A 242 12.41 -4.38 -18.42
N GLU A 243 12.25 -4.42 -19.73
CA GLU A 243 13.37 -4.83 -20.56
C GLU A 243 14.51 -3.81 -20.47
N GLU A 244 14.20 -2.52 -20.50
CA GLU A 244 15.26 -1.53 -20.44
C GLU A 244 16.08 -1.47 -19.15
N VAL A 245 15.47 -1.79 -18.01
CA VAL A 245 16.19 -1.71 -16.74
C VAL A 245 16.70 -3.09 -16.29
N LYS A 246 16.46 -4.07 -17.13
CA LYS A 246 16.78 -5.47 -16.88
C LYS A 246 17.99 -5.82 -15.99
N ASP A 247 19.19 -5.41 -16.35
CA ASP A 247 20.30 -5.83 -15.49
C ASP A 247 20.74 -4.74 -14.53
N LYS A 248 19.93 -3.70 -14.45
CA LYS A 248 20.27 -2.60 -13.59
C LYS A 248 19.45 -2.54 -12.28
N VAL A 249 18.52 -3.47 -12.11
CA VAL A 249 17.71 -3.51 -10.89
C VAL A 249 17.74 -4.93 -10.29
N TYR A 250 17.47 -5.04 -8.98
CA TYR A 250 17.39 -6.35 -8.36
C TYR A 250 16.06 -6.95 -8.84
N GLY A 251 15.08 -6.07 -9.05
CA GLY A 251 13.78 -6.53 -9.53
C GLY A 251 12.84 -5.34 -9.77
N ILE A 252 11.80 -5.57 -10.57
CA ILE A 252 10.83 -4.53 -10.85
C ILE A 252 9.48 -5.23 -11.11
N THR A 253 8.39 -4.64 -10.63
CA THR A 253 7.10 -5.25 -10.81
C THR A 253 6.02 -4.21 -10.64
N ILE A 254 4.76 -4.64 -10.73
CA ILE A 254 3.64 -3.73 -10.59
C ILE A 254 3.39 -3.49 -9.10
N SER A 255 3.09 -2.25 -8.73
CA SER A 255 2.78 -1.93 -7.33
C SER A 255 1.26 -2.13 -7.17
N GLY A 256 0.88 -3.00 -6.24
CA GLY A 256 -0.54 -3.26 -6.01
C GLY A 256 -1.21 -3.69 -7.29
N SER A 257 -2.36 -3.07 -7.59
CA SER A 257 -3.05 -3.40 -8.81
C SER A 257 -2.64 -2.49 -9.97
N GLY A 258 -1.60 -1.70 -9.77
CA GLY A 258 -1.12 -0.83 -10.82
C GLY A 258 -1.90 0.48 -10.84
N PRO A 259 -1.57 1.41 -11.76
CA PRO A 259 -0.54 1.27 -12.79
C PRO A 259 0.85 1.65 -12.31
N SER A 260 1.02 2.04 -11.06
CA SER A 260 2.36 2.42 -10.60
C SER A 260 3.28 1.20 -10.67
N ILE A 261 4.56 1.50 -10.88
CA ILE A 261 5.59 0.50 -11.06
C ILE A 261 6.60 0.64 -9.94
N ILE A 262 7.00 -0.46 -9.32
CA ILE A 262 7.99 -0.37 -8.26
C ILE A 262 9.24 -1.12 -8.65
N ALA A 263 10.38 -0.45 -8.49
CA ALA A 263 11.68 -1.05 -8.83
C ALA A 263 12.65 -0.89 -7.69
N PHE A 264 13.56 -1.86 -7.60
CA PHE A 264 14.60 -1.89 -6.58
C PHE A 264 15.92 -1.81 -7.39
N PRO A 265 16.39 -0.61 -7.64
CA PRO A 265 17.64 -0.45 -8.41
C PRO A 265 18.90 -0.86 -7.69
N LYS A 266 19.87 -1.34 -8.47
CA LYS A 266 21.16 -1.69 -7.90
C LYS A 266 21.84 -0.34 -7.64
N GLU A 267 22.64 -0.31 -6.59
CA GLU A 267 23.35 0.89 -6.17
C GLU A 267 24.10 1.59 -7.32
N GLU A 268 24.76 0.80 -8.14
CA GLU A 268 25.53 1.35 -9.26
C GLU A 268 24.73 2.07 -10.35
N PHE A 269 23.45 1.71 -10.50
CA PHE A 269 22.63 2.27 -11.56
C PHE A 269 21.41 3.06 -11.12
N ILE A 270 21.38 3.52 -9.88
CA ILE A 270 20.19 4.22 -9.43
C ILE A 270 19.81 5.45 -10.24
N ASP A 271 20.79 6.33 -10.57
CA ASP A 271 20.42 7.52 -11.34
C ASP A 271 19.97 7.12 -12.72
N GLU A 272 20.66 6.16 -13.30
CA GLU A 272 20.31 5.74 -14.62
C GLU A 272 18.92 5.08 -14.70
N VAL A 273 18.56 4.28 -13.71
CA VAL A 273 17.23 3.64 -13.72
C VAL A 273 16.13 4.71 -13.46
N GLU A 274 16.40 5.66 -12.58
CA GLU A 274 15.44 6.73 -12.30
C GLU A 274 15.19 7.52 -13.59
N ASN A 275 16.27 7.89 -14.29
CA ASN A 275 16.13 8.63 -15.54
C ASN A 275 15.32 7.85 -16.57
N ILE A 276 15.56 6.55 -16.69
CA ILE A 276 14.79 5.75 -17.64
C ILE A 276 13.29 5.79 -17.28
N LEU A 277 12.99 5.57 -16.01
CA LEU A 277 11.60 5.62 -15.57
C LEU A 277 11.00 7.02 -15.85
N ARG A 278 11.75 8.07 -15.55
CA ARG A 278 11.26 9.43 -15.78
C ARG A 278 10.95 9.70 -17.22
N ASP A 279 11.75 9.11 -18.12
CA ASP A 279 11.56 9.27 -19.57
C ASP A 279 10.16 8.89 -19.97
N TYR A 280 9.62 7.88 -19.30
CA TYR A 280 8.27 7.41 -19.59
C TYR A 280 7.22 8.03 -18.72
N TYR A 281 7.57 8.26 -17.46
CA TYR A 281 6.62 8.79 -16.50
C TYR A 281 7.27 9.88 -15.70
N GLU A 282 6.92 11.13 -16.01
CA GLU A 282 7.50 12.28 -15.33
C GLU A 282 7.38 12.21 -13.81
N ASN A 283 6.28 11.65 -13.31
CA ASN A 283 6.09 11.51 -11.88
C ASN A 283 6.76 10.24 -11.34
N THR A 284 8.08 10.30 -11.18
CA THR A 284 8.88 9.20 -10.68
C THR A 284 9.53 9.67 -9.38
N ILE A 285 9.48 8.81 -8.38
CA ILE A 285 9.95 9.09 -7.03
C ILE A 285 11.02 8.13 -6.55
N ARG A 286 12.00 8.66 -5.81
CA ARG A 286 13.06 7.81 -5.25
C ARG A 286 12.71 7.74 -3.77
N THR A 287 12.58 6.53 -3.25
CA THR A 287 12.26 6.43 -1.85
C THR A 287 12.92 5.21 -1.22
N GLU A 288 12.41 4.77 -0.07
CA GLU A 288 12.99 3.61 0.59
C GLU A 288 11.90 3.03 1.48
N VAL A 289 12.24 1.98 2.22
CA VAL A 289 11.23 1.37 3.08
C VAL A 289 10.90 2.28 4.23
N GLY A 290 9.61 2.39 4.52
CA GLY A 290 9.14 3.28 5.57
C GLY A 290 8.86 2.59 6.90
N LYS A 291 8.54 3.38 7.92
CA LYS A 291 8.29 2.81 9.23
C LYS A 291 6.87 2.86 9.70
N GLY A 292 5.96 3.24 8.80
CA GLY A 292 4.55 3.24 9.14
C GLY A 292 4.02 4.59 9.60
N VAL A 293 2.74 4.64 9.92
CA VAL A 293 2.14 5.88 10.36
C VAL A 293 2.87 6.43 11.58
N GLU A 294 3.06 7.75 11.63
CA GLU A 294 3.67 8.36 12.80
C GLU A 294 3.19 9.80 12.88
N VAL A 295 3.31 10.38 14.07
CA VAL A 295 2.88 11.76 14.31
C VAL A 295 3.84 12.72 13.60
N VAL A 296 3.30 13.83 13.06
CA VAL A 296 4.12 14.84 12.38
C VAL A 296 3.53 16.22 12.68
N THR B . -3.77 -7.15 -3.69
CA THR B . -4.84 -6.38 -4.32
C THR B . -4.88 -6.54 -5.85
O THR B . -3.84 -6.72 -6.50
CB THR B . -4.71 -4.85 -3.98
OG1 THR B . -5.39 -4.08 -4.97
CG2 THR B . -3.25 -4.41 -3.94
PG ANP C . -4.49 0.66 -4.43
PG ANP C . -4.34 0.40 -4.67
O1G ANP C . -5.09 -0.73 -4.32
O1G ANP C . -3.43 1.58 -4.43
O2G ANP C . -3.05 0.73 -4.01
O2G ANP C . -3.66 -0.82 -5.28
O3G ANP C . -4.70 1.28 -5.81
O3G ANP C . -5.11 0.00 -3.41
PB ANP C . -6.08 2.90 -3.65
PB ANP C . -7.14 1.27 -5.56
O1B ANP C . -6.61 3.30 -2.02
O1B ANP C . -7.69 -0.06 -5.20
O2B ANP C . -5.33 4.21 -4.10
O2B ANP C . -7.89 1.89 -6.65
N3B ANP C . -5.28 1.49 -3.38
N3B ANP C . -5.54 0.95 -5.78
PA ANP C . -8.24 2.62 -4.77
PA ANP C . -7.47 3.47 -3.36
O1A ANP C . -8.13 2.55 -6.29
O1A ANP C . -6.77 3.09 -2.09
O2A ANP C . -8.16 1.20 -4.18
O2A ANP C . -6.73 4.53 -4.11
O3A ANP C . -6.98 3.44 -4.12
O3A ANP C . -7.56 2.10 -4.18
O5' ANP C . -9.64 3.45 -4.59
O5' ANP C . -9.06 3.81 -3.09
C5' ANP C . -10.18 3.75 -3.33
C5' ANP C . -9.73 4.20 -4.29
C4' ANP C . -11.56 4.40 -3.66
C4' ANP C . -11.25 4.50 -4.09
O4' ANP C . -12.10 4.96 -2.48
O4' ANP C . -11.66 4.84 -2.74
C3' ANP C . -11.67 5.60 -4.58
C3' ANP C . -11.83 5.67 -4.83
O3' ANP C . -12.92 5.38 -5.23
O3' ANP C . -13.15 5.28 -5.14
C2' ANP C . -11.83 6.83 -3.68
C2' ANP C . -11.88 6.81 -3.81
O2' ANP C . -12.66 7.88 -4.11
O2' ANP C . -12.79 7.86 -4.01
C1' ANP C . -12.34 6.35 -2.37
C1' ANP C . -12.15 6.18 -2.50
N9 ANP C . -11.75 7.09 -1.17
N9 ANP C . -11.65 6.96 -1.30
C8 ANP C . -12.44 7.47 -0.06
C8 ANP C . -12.41 7.33 -0.23
N7 ANP C . -11.67 8.10 0.80
N7 ANP C . -11.71 8.00 0.68
C5 ANP C . -10.45 8.14 0.24
C5 ANP C . -10.47 8.07 0.17
C6 ANP C . -9.24 8.72 0.77
C6 ANP C . -9.29 8.70 0.72
N6 ANP C . -9.26 9.35 2.00
N6 ANP C . -9.38 9.33 1.94
N1 ANP C . -8.06 8.62 0.01
N1 ANP C . -8.10 8.64 -0.01
C2 ANP C . -8.14 7.99 -1.21
C2 ANP C . -8.10 7.99 -1.21
N3 ANP C . -9.29 7.44 -1.70
N3 ANP C . -9.21 7.40 -1.74
C4 ANP C . -10.47 7.50 -1.00
C4 ANP C . -10.41 7.41 -1.08
#